data_3X31
#
_entry.id   3X31
#
_cell.length_a   44.369
_cell.length_b   51.508
_cell.length_c   131.520
_cell.angle_alpha   90.00
_cell.angle_beta   90.00
_cell.angle_gamma   90.00
#
_symmetry.space_group_name_H-M   'P 21 21 21'
#
loop_
_entity.id
_entity.type
_entity.pdbx_description
1 polymer 'Vitamin D3 receptor'
2 non-polymer (1R,3R,7Z,14beta,17alpha)-17-[(2R)-6-hydroxy-6-methylheptan-2-yl]-9,10-secoestra-5,7-diene-1,3-diol
3 water water
#
_entity_poly.entity_id   1
_entity_poly.type   'polypeptide(L)'
_entity_poly.pdbx_seq_one_letter_code
;GSHMDSLRPKLSEEQQRIIAILLDAHHKTYDPTYSDFCQFRPPVRVNDGGGSVTLELSQLSMLPHLADLVSYSIQKVIGF
AKMIPGFRDLTSEDQIVLLKSSAIEVIMLRSNESFTMDDMSWTCGNQDYKYRVSDVTKAGHSLELIEPLIKFQVGLKKLN
LHEEEHVLLMAICIVSPDRPGVQDAALIEAIQDRLSNTLQTYIRCRHPPPGSHLLYAKMIQKLADLRSLNEEHSKQYRCL
SFQPECSMKLTPLVLEVFGNEIS
;
_entity_poly.pdbx_strand_id   A
#
loop_
_chem_comp.id
_chem_comp.type
_chem_comp.name
_chem_comp.formula
41V non-polymer (1R,3R,7Z,14beta,17alpha)-17-[(2R)-6-hydroxy-6-methylheptan-2-yl]-9,10-secoestra-5,7-diene-1,3-diol 'C26 H44 O3'
#
# COMPACT_ATOMS: atom_id res chain seq x y z
N ASP A 5 -5.67 -2.84 -36.25
CA ASP A 5 -4.66 -3.62 -35.46
C ASP A 5 -5.29 -4.26 -34.23
N SER A 6 -5.57 -3.46 -33.20
CA SER A 6 -6.16 -3.94 -31.94
C SER A 6 -5.67 -5.35 -31.54
N LEU A 7 -4.35 -5.53 -31.37
CA LEU A 7 -3.81 -6.85 -31.04
C LEU A 7 -4.08 -7.28 -29.58
N ARG A 8 -4.50 -8.54 -29.46
CA ARG A 8 -4.96 -9.16 -28.22
C ARG A 8 -4.19 -10.47 -27.84
N PRO A 9 -2.85 -10.41 -27.54
CA PRO A 9 -2.15 -11.70 -27.33
C PRO A 9 -2.62 -12.53 -26.13
N LYS A 10 -2.54 -13.83 -26.30
CA LYS A 10 -2.95 -14.72 -25.26
C LYS A 10 -1.91 -14.58 -24.16
N LEU A 11 -2.38 -14.69 -22.91
CA LEU A 11 -1.51 -14.68 -21.81
C LEU A 11 -0.69 -15.96 -22.00
N SER A 12 0.61 -15.89 -21.80
CA SER A 12 1.42 -17.09 -21.84
C SER A 12 1.30 -17.93 -20.57
N GLU A 13 1.58 -19.21 -20.70
CA GLU A 13 1.56 -20.17 -19.62
C GLU A 13 2.29 -19.60 -18.40
N GLU A 14 3.39 -18.87 -18.67
CA GLU A 14 4.23 -18.30 -17.66
C GLU A 14 3.55 -17.08 -17.01
N GLN A 15 3.03 -16.19 -17.85
CA GLN A 15 2.25 -15.08 -17.32
C GLN A 15 1.18 -15.62 -16.37
N GLN A 16 0.38 -16.58 -16.82
CA GLN A 16 -0.66 -17.19 -15.96
C GLN A 16 -0.07 -17.63 -14.63
N ARG A 17 1.11 -18.23 -14.70
CA ARG A 17 1.73 -18.75 -13.52
C ARG A 17 2.00 -17.57 -12.59
N ILE A 18 2.37 -16.46 -13.20
CA ILE A 18 2.80 -15.31 -12.42
C ILE A 18 1.60 -14.78 -11.64
N ILE A 19 0.44 -14.74 -12.33
CA ILE A 19 -0.82 -14.26 -11.80
C ILE A 19 -1.29 -15.20 -10.64
N ALA A 20 -1.39 -16.52 -10.92
CA ALA A 20 -1.60 -17.56 -9.89
C ALA A 20 -0.72 -17.33 -8.65
N ILE A 21 0.58 -17.22 -8.87
CA ILE A 21 1.56 -17.01 -7.75
C ILE A 21 1.28 -15.74 -6.97
N LEU A 22 0.90 -14.68 -7.69
CA LEU A 22 0.58 -13.42 -7.01
C LEU A 22 -0.77 -13.49 -6.30
N LEU A 23 -1.76 -14.15 -6.87
CA LEU A 23 -3.06 -14.25 -6.18
C LEU A 23 -2.87 -14.97 -4.86
N ASP A 24 -2.26 -16.15 -4.94
CA ASP A 24 -1.89 -16.93 -3.78
C ASP A 24 -0.99 -16.15 -2.74
N ALA A 25 0.04 -15.46 -3.22
CA ALA A 25 0.86 -14.59 -2.36
C ALA A 25 -0.01 -13.63 -1.54
N HIS A 26 -0.93 -12.92 -2.21
CA HIS A 26 -1.87 -12.06 -1.53
C HIS A 26 -2.83 -12.69 -0.48
N HIS A 27 -3.43 -13.83 -0.82
CA HIS A 27 -4.39 -14.52 0.02
C HIS A 27 -3.67 -15.07 1.27
N LYS A 28 -2.44 -15.50 1.09
CA LYS A 28 -1.57 -15.79 2.24
C LYS A 28 -1.18 -14.62 3.15
N THR A 29 -1.30 -13.39 2.68
CA THR A 29 -0.72 -12.27 3.46
C THR A 29 -1.75 -11.16 3.73
N TYR A 30 -2.95 -11.36 3.20
CA TYR A 30 -4.03 -10.42 3.42
C TYR A 30 -5.26 -11.18 3.95
N ASP A 31 -5.38 -11.18 5.28
CA ASP A 31 -6.60 -11.59 5.95
C ASP A 31 -7.80 -10.62 5.70
N PRO A 32 -8.73 -11.03 4.79
CA PRO A 32 -9.90 -10.17 4.53
C PRO A 32 -10.85 -10.05 5.76
N THR A 33 -10.53 -10.74 6.85
CA THR A 33 -11.36 -10.76 8.12
C THR A 33 -10.77 -9.86 9.20
N TYR A 34 -9.56 -9.39 8.98
CA TYR A 34 -8.90 -8.53 9.99
C TYR A 34 -8.94 -9.16 11.40
N SER A 35 -8.67 -10.46 11.50
CA SER A 35 -8.85 -11.20 12.73
C SER A 35 -7.77 -11.00 13.76
N ASP A 36 -6.62 -10.49 13.28
CA ASP A 36 -5.50 -10.21 14.16
C ASP A 36 -5.56 -8.85 14.84
N PHE A 37 -6.50 -7.99 14.38
CA PHE A 37 -6.46 -6.59 14.78
C PHE A 37 -6.72 -6.41 16.31
N CYS A 38 -7.49 -7.30 16.88
CA CYS A 38 -7.76 -7.27 18.35
C CYS A 38 -6.46 -7.52 19.11
N GLN A 39 -5.39 -7.92 18.41
CA GLN A 39 -4.08 -8.12 19.08
C GLN A 39 -3.22 -6.85 19.18
N PHE A 40 -3.55 -5.83 18.40
CA PHE A 40 -2.83 -4.57 18.48
C PHE A 40 -3.22 -3.81 19.76
N ARG A 41 -2.35 -2.90 20.19
CA ARG A 41 -2.69 -1.97 21.30
C ARG A 41 -3.95 -1.27 20.85
N PRO A 42 -4.86 -1.02 21.80
CA PRO A 42 -6.18 -0.51 21.56
C PRO A 42 -6.32 0.82 20.84
N PRO A 43 -7.33 0.89 19.94
CA PRO A 43 -7.83 2.16 19.38
C PRO A 43 -8.33 2.98 20.58
N VAL A 44 -7.91 4.25 20.66
CA VAL A 44 -8.44 5.19 21.66
C VAL A 44 -8.94 6.42 20.94
N ARG A 45 -10.24 6.70 21.04
CA ARG A 45 -10.87 7.81 20.31
C ARG A 45 -11.46 8.90 21.22
N VAL A 46 -10.62 9.62 21.96
CA VAL A 46 -11.13 10.77 22.75
C VAL A 46 -11.08 12.12 21.99
N ASN A 47 -12.11 12.32 21.16
CA ASN A 47 -12.56 13.62 20.60
C ASN A 47 -11.62 14.84 20.58
N ASP A 48 -11.32 15.34 19.38
CA ASP A 48 -10.71 16.65 19.27
C ASP A 48 -11.70 17.61 18.65
N GLY A 49 -12.89 17.08 18.32
CA GLY A 49 -13.96 17.84 17.71
C GLY A 49 -13.49 18.38 16.38
N GLY A 50 -12.82 19.54 16.40
CA GLY A 50 -12.22 20.16 15.22
C GLY A 50 -10.70 20.20 15.20
N SER A 52 -8.15 19.41 16.81
CA SER A 52 -7.11 20.36 17.23
C SER A 52 -5.72 19.76 17.12
N VAL A 53 -4.78 20.46 16.46
CA VAL A 53 -3.42 19.90 16.23
C VAL A 53 -2.66 19.70 17.55
N THR A 54 -2.72 20.72 18.40
CA THR A 54 -2.12 20.69 19.74
C THR A 54 -2.59 19.47 20.57
N LEU A 55 -3.89 19.34 20.76
CA LEU A 55 -4.48 18.15 21.37
C LEU A 55 -4.07 16.85 20.69
N GLU A 56 -4.17 16.83 19.36
CA GLU A 56 -3.84 15.60 18.65
C GLU A 56 -2.42 15.19 18.87
N LEU A 57 -1.51 16.18 18.89
CA LEU A 57 -0.11 15.90 19.21
C LEU A 57 0.10 15.59 20.70
N SER A 58 -0.73 16.21 21.53
CA SER A 58 -0.60 16.04 22.96
C SER A 58 -0.90 14.60 23.34
N GLN A 59 -2.02 14.11 22.78
CA GLN A 59 -2.53 12.75 23.01
C GLN A 59 -1.88 11.67 22.11
N LEU A 60 -1.86 11.93 20.79
CA LEU A 60 -1.59 10.88 19.79
C LEU A 60 -2.36 9.57 20.09
N SER A 61 -3.66 9.68 20.38
CA SER A 61 -4.45 8.56 20.94
C SER A 61 -4.57 7.32 20.01
N MET A 62 -4.61 7.56 18.72
CA MET A 62 -4.70 6.48 17.76
C MET A 62 -3.35 6.03 17.17
N LEU A 63 -2.24 6.57 17.68
CA LEU A 63 -0.92 6.15 17.18
C LEU A 63 -0.44 4.75 17.54
N PRO A 64 -0.60 4.35 18.84
CA PRO A 64 -0.26 2.98 19.21
C PRO A 64 -1.02 1.98 18.30
N HIS A 65 -2.31 2.22 18.12
CA HIS A 65 -3.16 1.31 17.34
C HIS A 65 -2.78 1.35 15.81
N LEU A 66 -2.67 2.52 15.23
CA LEU A 66 -2.33 2.61 13.78
C LEU A 66 -0.90 2.24 13.46
N ALA A 67 0.01 2.43 14.42
CA ALA A 67 1.41 2.08 14.20
C ALA A 67 1.58 0.56 14.35
N ASP A 68 0.84 -0.06 15.27
CA ASP A 68 0.78 -1.53 15.26
C ASP A 68 0.13 -2.06 13.98
N LEU A 69 -0.92 -1.41 13.50
CA LEU A 69 -1.52 -1.81 12.21
C LEU A 69 -0.54 -1.65 11.04
N VAL A 70 0.28 -0.60 11.05
CA VAL A 70 1.24 -0.37 9.95
C VAL A 70 2.44 -1.34 10.07
N SER A 71 2.92 -1.54 11.30
CA SER A 71 4.03 -2.45 11.55
C SER A 71 3.65 -3.84 11.07
N TYR A 72 2.43 -4.25 11.40
CA TYR A 72 1.90 -5.57 11.04
C TYR A 72 1.83 -5.76 9.52
N SER A 73 1.24 -4.74 8.88
CA SER A 73 1.12 -4.68 7.42
C SER A 73 2.48 -4.66 6.71
N ILE A 74 3.45 -3.94 7.23
CA ILE A 74 4.83 -4.02 6.66
C ILE A 74 5.36 -5.46 6.65
N GLN A 75 5.06 -6.20 7.70
CA GLN A 75 5.46 -7.59 7.82
C GLN A 75 4.82 -8.42 6.71
N LYS A 76 3.57 -8.12 6.38
CA LYS A 76 2.80 -8.96 5.44
C LYS A 76 3.30 -8.59 4.04
N VAL A 77 3.71 -7.34 3.90
CA VAL A 77 4.21 -6.79 2.65
C VAL A 77 5.52 -7.53 2.35
N ILE A 78 6.44 -7.57 3.30
CA ILE A 78 7.70 -8.27 3.11
C ILE A 78 7.46 -9.67 2.65
N GLY A 79 6.58 -10.34 3.42
CA GLY A 79 6.04 -11.63 3.05
C GLY A 79 5.53 -11.66 1.62
N PHE A 80 4.70 -10.66 1.23
CA PHE A 80 4.15 -10.69 -0.11
C PHE A 80 5.30 -10.56 -1.13
N ALA A 81 6.20 -9.59 -0.90
CA ALA A 81 7.34 -9.30 -1.82
C ALA A 81 8.24 -10.51 -2.07
N LYS A 82 8.50 -11.29 -1.03
CA LYS A 82 9.27 -12.51 -1.14
C LYS A 82 8.69 -13.51 -2.15
N MET A 83 7.38 -13.50 -2.35
CA MET A 83 6.77 -14.42 -3.36
C MET A 83 6.59 -13.82 -4.75
N ILE A 84 6.95 -12.57 -4.97
CA ILE A 84 6.89 -12.03 -6.32
C ILE A 84 7.96 -12.75 -7.16
N PRO A 85 7.56 -13.35 -8.31
CA PRO A 85 8.52 -14.03 -9.21
C PRO A 85 9.65 -13.11 -9.67
N GLY A 86 10.81 -13.31 -9.06
CA GLY A 86 12.06 -12.68 -9.45
C GLY A 86 12.68 -11.95 -8.27
N PHE A 87 11.85 -11.69 -7.24
CA PHE A 87 12.26 -10.83 -6.14
C PHE A 87 13.49 -11.42 -5.47
N ARG A 88 13.42 -12.73 -5.24
CA ARG A 88 14.48 -13.48 -4.58
C ARG A 88 15.82 -13.44 -5.35
N ASP A 89 15.77 -13.29 -6.68
CA ASP A 89 17.02 -13.19 -7.48
C ASP A 89 17.80 -11.91 -7.21
N LEU A 90 17.18 -10.91 -6.55
CA LEU A 90 17.95 -9.70 -6.22
C LEU A 90 18.76 -9.96 -4.98
N THR A 91 19.78 -9.14 -4.78
CA THR A 91 20.61 -9.12 -3.61
C THR A 91 19.72 -8.63 -2.48
N SER A 92 20.07 -8.98 -1.25
CA SER A 92 19.21 -8.59 -0.13
C SER A 92 19.32 -7.08 0.09
N GLU A 93 20.45 -6.54 -0.36
CA GLU A 93 20.72 -5.11 -0.20
C GLU A 93 19.68 -4.33 -0.97
N ASP A 94 19.34 -4.81 -2.17
CA ASP A 94 18.38 -4.15 -3.08
C ASP A 94 16.96 -4.53 -2.62
N GLN A 95 16.81 -5.76 -2.13
CA GLN A 95 15.51 -6.27 -1.65
C GLN A 95 15.04 -5.37 -0.53
N ILE A 96 15.92 -5.12 0.41
CA ILE A 96 15.62 -4.20 1.50
C ILE A 96 15.40 -2.75 1.01
N VAL A 97 16.24 -2.26 0.10
CA VAL A 97 16.05 -0.88 -0.43
C VAL A 97 14.63 -0.76 -0.97
N LEU A 98 14.23 -1.72 -1.79
CA LEU A 98 12.91 -1.75 -2.41
C LEU A 98 11.75 -1.92 -1.41
N LEU A 99 11.97 -2.75 -0.38
CA LEU A 99 10.93 -2.94 0.66
C LEU A 99 10.70 -1.61 1.40
N LYS A 100 11.80 -1.00 1.80
CA LYS A 100 11.79 0.21 2.55
C LYS A 100 11.16 1.42 1.95
N SER A 101 11.52 1.67 0.70
CA SER A 101 11.00 2.76 0.00
C SER A 101 9.56 2.54 -0.50
N SER A 102 9.15 1.29 -0.74
CA SER A 102 7.77 1.00 -1.18
C SER A 102 6.73 0.70 -0.04
N ALA A 103 7.17 0.19 1.11
CA ALA A 103 6.23 -0.13 2.23
C ALA A 103 4.99 0.78 2.37
N ILE A 104 5.17 2.09 2.52
CA ILE A 104 4.03 3.01 2.82
C ILE A 104 3.06 3.03 1.65
N GLU A 105 3.61 2.88 0.43
CA GLU A 105 2.82 2.95 -0.76
C GLU A 105 2.01 1.62 -0.89
N VAL A 106 2.65 0.49 -0.66
CA VAL A 106 1.94 -0.76 -0.77
C VAL A 106 0.83 -0.89 0.31
N ILE A 107 1.07 -0.32 1.49
CA ILE A 107 0.04 -0.33 2.55
C ILE A 107 -1.14 0.46 2.08
N MET A 108 -0.87 1.62 1.48
CA MET A 108 -1.94 2.42 0.96
C MET A 108 -2.75 1.67 -0.11
N LEU A 109 -2.07 1.04 -1.06
CA LEU A 109 -2.73 0.33 -2.12
C LEU A 109 -3.55 -0.77 -1.49
N ARG A 110 -2.89 -1.58 -0.66
CA ARG A 110 -3.49 -2.80 -0.09
C ARG A 110 -4.63 -2.44 0.91
N SER A 111 -4.57 -1.25 1.47
CA SER A 111 -5.68 -0.70 2.36
C SER A 111 -6.87 -0.34 1.48
N ASN A 112 -6.66 -0.35 0.15
CA ASN A 112 -7.85 -0.16 -0.69
C ASN A 112 -8.86 -1.30 -0.53
N GLU A 113 -8.40 -2.48 -0.10
CA GLU A 113 -9.36 -3.58 -0.01
C GLU A 113 -10.33 -3.35 1.21
N SER A 114 -9.91 -2.62 2.25
CA SER A 114 -10.90 -2.34 3.36
C SER A 114 -11.62 -1.01 3.20
N PHE A 115 -11.21 -0.27 2.20
CA PHE A 115 -11.78 1.02 2.00
C PHE A 115 -13.17 0.83 1.43
N THR A 116 -14.13 1.65 1.86
CA THR A 116 -15.51 1.56 1.37
C THR A 116 -16.06 2.91 0.99
N MET A 117 -16.77 2.96 -0.14
CA MET A 117 -17.38 4.20 -0.53
C MET A 117 -18.70 4.41 0.16
N ASP A 118 -19.22 3.43 0.92
CA ASP A 118 -20.40 3.69 1.75
C ASP A 118 -20.24 4.98 2.58
N ASP A 119 -19.22 5.07 3.42
CA ASP A 119 -18.96 6.30 4.17
C ASP A 119 -17.53 6.85 4.10
N MET A 120 -16.81 6.54 3.02
CA MET A 120 -15.39 6.91 2.90
C MET A 120 -14.52 6.48 4.09
N SER A 121 -14.63 5.24 4.52
CA SER A 121 -13.80 4.81 5.61
C SER A 121 -13.07 3.56 5.18
N TRP A 122 -12.15 3.12 6.02
CA TRP A 122 -11.52 1.82 5.91
C TRP A 122 -12.24 1.00 6.94
N THR A 123 -13.09 0.05 6.50
CA THR A 123 -13.87 -0.77 7.49
C THR A 123 -13.22 -2.10 7.78
N CYS A 124 -12.56 -2.19 8.92
CA CYS A 124 -11.92 -3.42 9.32
C CYS A 124 -12.45 -4.30 10.51
N GLY A 125 -13.56 -4.06 11.21
CA GLY A 125 -14.58 -2.99 11.21
C GLY A 125 -15.63 -4.03 11.51
N ASN A 126 -16.84 -3.75 11.99
CA ASN A 126 -17.22 -2.98 13.19
C ASN A 126 -16.53 -1.68 13.64
N GLN A 127 -17.23 -1.04 14.58
CA GLN A 127 -16.95 0.29 15.08
C GLN A 127 -15.50 0.46 15.40
N ASP A 128 -14.97 -0.41 16.25
CA ASP A 128 -13.64 -0.20 16.82
C ASP A 128 -12.60 -0.21 15.69
N TYR A 129 -12.73 -1.10 14.70
CA TYR A 129 -11.72 -1.17 13.57
C TYR A 129 -12.14 -0.51 12.27
N LYS A 130 -13.16 0.35 12.38
CA LYS A 130 -13.52 1.31 11.35
C LYS A 130 -12.65 2.56 11.50
N TYR A 131 -11.80 2.83 10.51
CA TYR A 131 -10.93 4.01 10.53
C TYR A 131 -11.39 5.18 9.62
N ARG A 132 -11.62 6.35 10.20
CA ARG A 132 -12.10 7.51 9.46
C ARG A 132 -11.01 8.54 9.42
N VAL A 133 -11.26 9.62 8.69
CA VAL A 133 -10.35 10.75 8.57
C VAL A 133 -9.97 11.25 9.97
N SER A 134 -10.91 11.24 10.91
CA SER A 134 -10.64 11.79 12.24
C SER A 134 -9.66 10.91 13.06
N ASP A 135 -9.71 9.62 12.81
CA ASP A 135 -8.72 8.72 13.38
C ASP A 135 -7.33 9.01 12.91
N VAL A 136 -7.18 9.43 11.64
CA VAL A 136 -5.82 9.62 11.06
C VAL A 136 -5.25 10.96 11.61
N THR A 137 -6.15 11.90 11.83
CA THR A 137 -5.74 13.10 12.46
C THR A 137 -5.32 12.80 13.91
N LYS A 138 -6.00 11.86 14.57
CA LYS A 138 -5.65 11.51 15.99
C LYS A 138 -4.41 10.66 16.16
N ALA A 139 -3.81 10.32 15.02
CA ALA A 139 -2.55 9.66 15.02
C ALA A 139 -1.49 10.62 14.63
N GLY A 140 -1.83 11.91 14.57
CA GLY A 140 -0.88 13.04 14.33
C GLY A 140 -0.58 13.41 12.87
N HIS A 141 -1.42 12.97 11.94
CA HIS A 141 -1.25 13.37 10.53
C HIS A 141 -2.14 14.58 10.19
N SER A 142 -1.74 15.39 9.20
CA SER A 142 -2.61 16.50 8.81
C SER A 142 -3.42 16.24 7.55
N LEU A 143 -4.42 17.09 7.32
CA LEU A 143 -5.22 17.05 6.08
C LEU A 143 -4.38 17.03 4.78
N GLU A 144 -3.18 17.61 4.77
CA GLU A 144 -2.40 17.59 3.52
C GLU A 144 -1.87 16.23 3.09
N LEU A 145 -1.92 15.25 4.00
CA LEU A 145 -1.73 13.84 3.59
C LEU A 145 -3.08 13.12 3.48
N ILE A 146 -3.95 13.31 4.48
CA ILE A 146 -5.21 12.53 4.53
C ILE A 146 -6.15 12.71 3.33
N GLU A 147 -6.40 13.97 2.94
CA GLU A 147 -7.35 14.27 1.89
C GLU A 147 -6.89 13.73 0.50
N PRO A 148 -5.61 13.94 0.10
CA PRO A 148 -5.16 13.26 -1.16
C PRO A 148 -5.22 11.72 -1.04
N LEU A 149 -5.21 11.22 0.21
CA LEU A 149 -5.24 9.80 0.42
C LEU A 149 -6.62 9.19 0.15
N ILE A 150 -7.65 9.85 0.68
CA ILE A 150 -9.08 9.50 0.50
C ILE A 150 -9.42 9.59 -1.02
N LYS A 151 -8.92 10.64 -1.67
CA LYS A 151 -9.06 10.90 -3.12
C LYS A 151 -8.39 9.80 -3.91
N PHE A 152 -7.21 9.42 -3.45
CA PHE A 152 -6.52 8.25 -4.00
C PHE A 152 -7.34 6.94 -3.83
N GLN A 153 -7.98 6.75 -2.67
CA GLN A 153 -8.75 5.54 -2.36
C GLN A 153 -10.00 5.47 -3.25
N VAL A 154 -10.69 6.60 -3.38
CA VAL A 154 -11.86 6.63 -4.22
C VAL A 154 -11.47 6.38 -5.72
N GLY A 155 -10.44 7.08 -6.18
CA GLY A 155 -9.98 6.93 -7.57
C GLY A 155 -9.71 5.48 -7.88
N LEU A 156 -8.92 4.84 -7.02
CA LEU A 156 -8.62 3.43 -7.12
C LEU A 156 -9.84 2.50 -7.06
N LYS A 157 -10.77 2.75 -6.12
CA LYS A 157 -11.98 1.97 -6.00
C LYS A 157 -12.68 1.96 -7.34
N LYS A 158 -12.68 3.12 -7.98
CA LYS A 158 -13.62 3.37 -9.08
C LYS A 158 -13.09 2.67 -10.32
N LEU A 159 -11.76 2.49 -10.39
CA LEU A 159 -11.14 1.55 -11.33
C LEU A 159 -11.61 0.07 -11.27
N ASN A 160 -12.35 -0.32 -10.23
CA ASN A 160 -12.95 -1.66 -10.16
C ASN A 160 -11.99 -2.76 -10.63
N LEU A 161 -10.75 -2.72 -10.14
CA LEU A 161 -9.72 -3.65 -10.56
C LEU A 161 -10.17 -5.05 -10.26
N HIS A 162 -9.78 -5.97 -11.13
CA HIS A 162 -9.89 -7.41 -10.81
C HIS A 162 -8.82 -7.69 -9.76
N GLU A 163 -8.99 -8.73 -8.96
CA GLU A 163 -7.95 -9.01 -7.97
C GLU A 163 -6.58 -9.18 -8.63
N GLU A 164 -6.62 -9.71 -9.85
CA GLU A 164 -5.40 -9.95 -10.66
C GLU A 164 -4.63 -8.66 -10.95
N GLU A 165 -5.35 -7.60 -11.29
CA GLU A 165 -4.80 -6.31 -11.58
C GLU A 165 -4.32 -5.68 -10.28
N HIS A 166 -5.14 -5.83 -9.23
CA HIS A 166 -4.77 -5.32 -7.90
C HIS A 166 -3.43 -5.93 -7.43
N VAL A 167 -3.28 -7.23 -7.49
CA VAL A 167 -1.99 -7.83 -7.01
C VAL A 167 -0.84 -7.59 -7.97
N LEU A 168 -1.15 -7.45 -9.27
CA LEU A 168 -0.06 -7.07 -10.21
C LEU A 168 0.48 -5.69 -9.89
N LEU A 169 -0.41 -4.74 -9.63
CA LEU A 169 -0.05 -3.35 -9.31
C LEU A 169 0.85 -3.22 -8.07
N MET A 170 0.51 -4.01 -7.05
CA MET A 170 1.35 -4.09 -5.84
C MET A 170 2.78 -4.58 -6.14
N ALA A 171 2.84 -5.68 -6.87
CA ALA A 171 4.12 -6.25 -7.31
C ALA A 171 4.91 -5.16 -8.07
N ILE A 172 4.24 -4.47 -8.97
CA ILE A 172 4.94 -3.46 -9.80
C ILE A 172 5.44 -2.27 -8.98
N CYS A 173 4.64 -1.87 -7.98
CA CYS A 173 4.96 -0.76 -7.12
C CYS A 173 6.26 -1.08 -6.41
N ILE A 174 6.33 -2.30 -5.90
CA ILE A 174 7.50 -2.81 -5.11
C ILE A 174 8.80 -2.98 -5.97
N VAL A 175 8.72 -3.73 -7.05
CA VAL A 175 9.92 -4.02 -7.87
C VAL A 175 10.14 -2.79 -8.82
N SER A 176 10.61 -1.68 -8.28
CA SER A 176 10.70 -0.44 -9.10
C SER A 176 12.15 -0.08 -9.23
N PRO A 177 12.60 0.08 -10.47
CA PRO A 177 14.06 0.30 -10.64
C PRO A 177 14.52 1.73 -10.29
N ASP A 178 13.61 2.71 -10.38
CA ASP A 178 13.91 4.06 -9.91
C ASP A 178 13.47 4.18 -8.44
N ARG A 179 14.14 3.46 -7.56
CA ARG A 179 14.07 3.83 -6.17
C ARG A 179 15.47 4.37 -5.85
N PRO A 180 15.54 5.46 -5.06
CA PRO A 180 16.87 5.99 -4.80
C PRO A 180 17.66 5.00 -3.98
N GLY A 181 18.82 4.60 -4.49
CA GLY A 181 19.72 3.74 -3.73
C GLY A 181 19.77 2.30 -4.17
N VAL A 182 19.05 1.94 -5.23
CA VAL A 182 19.15 0.59 -5.83
C VAL A 182 20.54 0.41 -6.48
N GLN A 183 21.04 -0.81 -6.43
CA GLN A 183 22.30 -1.19 -7.04
C GLN A 183 22.01 -1.64 -8.45
N ASP A 184 21.39 -2.82 -8.59
CA ASP A 184 21.17 -3.38 -9.90
C ASP A 184 19.84 -3.05 -10.55
N ALA A 185 19.72 -1.82 -11.06
CA ALA A 185 18.53 -1.35 -11.77
C ALA A 185 18.04 -2.17 -12.98
N ALA A 186 18.94 -2.64 -13.86
CA ALA A 186 18.54 -3.54 -15.00
C ALA A 186 17.72 -4.71 -14.52
N LEU A 187 18.27 -5.48 -13.59
CA LEU A 187 17.57 -6.65 -13.06
C LEU A 187 16.21 -6.23 -12.53
N ILE A 188 16.15 -5.15 -11.75
CA ILE A 188 14.84 -4.74 -11.17
C ILE A 188 13.83 -4.34 -12.27
N GLU A 189 14.32 -3.58 -13.26
CA GLU A 189 13.55 -3.32 -14.47
C GLU A 189 13.12 -4.59 -15.17
N ALA A 190 14.06 -5.51 -15.39
CA ALA A 190 13.72 -6.79 -16.01
C ALA A 190 12.54 -7.47 -15.26
N ILE A 191 12.65 -7.57 -13.94
CA ILE A 191 11.54 -8.13 -13.12
C ILE A 191 10.24 -7.31 -13.27
N GLN A 192 10.36 -5.97 -13.26
CA GLN A 192 9.17 -5.11 -13.40
C GLN A 192 8.54 -5.24 -14.77
N ASP A 193 9.37 -5.15 -15.82
CA ASP A 193 8.84 -5.32 -17.19
C ASP A 193 8.07 -6.63 -17.31
N ARG A 194 8.60 -7.69 -16.74
CA ARG A 194 7.87 -8.97 -16.80
C ARG A 194 6.46 -8.88 -16.18
N LEU A 195 6.34 -8.12 -15.08
CA LEU A 195 5.04 -7.95 -14.42
C LEU A 195 4.12 -7.00 -15.23
N SER A 196 4.70 -5.91 -15.69
CA SER A 196 3.95 -4.89 -16.46
C SER A 196 3.40 -5.52 -17.69
N ASN A 197 4.22 -6.33 -18.34
CA ASN A 197 3.76 -7.06 -19.53
C ASN A 197 2.68 -8.04 -19.15
N THR A 198 2.82 -8.71 -18.01
CA THR A 198 1.73 -9.62 -17.60
C THR A 198 0.48 -8.79 -17.45
N LEU A 199 0.60 -7.63 -16.82
CA LEU A 199 -0.54 -6.76 -16.55
C LEU A 199 -1.17 -6.20 -17.83
N GLN A 200 -0.34 -5.70 -18.73
CA GLN A 200 -0.84 -5.13 -19.99
C GLN A 200 -1.66 -6.11 -20.82
N THR A 201 -1.14 -7.34 -20.90
CA THR A 201 -1.79 -8.50 -21.58
C THR A 201 -3.08 -8.89 -20.87
N TYR A 202 -2.99 -9.15 -19.56
CA TYR A 202 -4.21 -9.37 -18.78
C TYR A 202 -5.33 -8.41 -19.18
N ILE A 203 -5.04 -7.12 -19.17
CA ILE A 203 -6.10 -6.09 -19.33
C ILE A 203 -6.83 -6.25 -20.68
N ARG A 204 -6.04 -6.38 -21.75
CA ARG A 204 -6.56 -6.70 -23.10
C ARG A 204 -7.23 -8.07 -23.20
N CYS A 205 -6.66 -9.08 -22.54
CA CYS A 205 -7.23 -10.44 -22.50
C CYS A 205 -8.54 -10.51 -21.77
N ARG A 206 -8.64 -9.78 -20.67
CA ARG A 206 -9.65 -10.13 -19.68
C ARG A 206 -10.54 -9.00 -19.24
N HIS A 207 -10.22 -7.79 -19.65
CA HIS A 207 -10.97 -6.72 -19.02
C HIS A 207 -12.08 -6.23 -19.92
N PRO A 208 -13.36 -6.36 -19.46
CA PRO A 208 -14.61 -5.93 -20.12
C PRO A 208 -14.45 -4.90 -21.28
N PRO A 209 -14.51 -3.58 -21.01
CA PRO A 209 -15.26 -2.77 -20.04
C PRO A 209 -16.28 -1.76 -20.63
N PRO A 210 -16.32 -1.53 -21.97
CA PRO A 210 -15.53 -1.95 -23.16
C PRO A 210 -14.62 -0.86 -23.78
N GLY A 211 -13.94 -1.19 -24.88
CA GLY A 211 -13.15 -0.21 -25.63
C GLY A 211 -11.76 0.16 -25.11
N SER A 212 -11.50 -0.07 -23.82
CA SER A 212 -10.24 0.31 -23.18
C SER A 212 -9.24 -0.83 -22.93
N HIS A 213 -8.03 -0.67 -23.46
CA HIS A 213 -6.83 -1.22 -22.81
C HIS A 213 -6.12 -0.06 -22.07
N LEU A 214 -6.68 1.14 -22.30
CA LEU A 214 -6.44 2.40 -21.54
C LEU A 214 -6.60 2.40 -19.98
N LEU A 215 -7.04 1.28 -19.39
CA LEU A 215 -7.05 1.16 -17.92
C LEU A 215 -5.59 1.06 -17.41
N TYR A 216 -4.72 0.52 -18.26
CA TYR A 216 -3.33 0.36 -17.93
C TYR A 216 -2.74 1.71 -17.62
N ALA A 217 -3.02 2.70 -18.49
CA ALA A 217 -2.62 4.10 -18.28
C ALA A 217 -3.08 4.61 -16.91
N LYS A 218 -4.36 4.44 -16.60
CA LYS A 218 -4.84 4.86 -15.30
C LYS A 218 -4.10 4.19 -14.11
N MET A 219 -3.75 2.93 -14.24
CA MET A 219 -3.04 2.21 -13.17
C MET A 219 -1.67 2.80 -12.91
N ILE A 220 -0.93 3.09 -13.98
CA ILE A 220 0.35 3.72 -13.91
C ILE A 220 0.25 5.10 -13.25
N GLN A 221 -0.81 5.87 -13.56
CA GLN A 221 -1.09 7.16 -12.90
C GLN A 221 -1.19 7.07 -11.36
N LYS A 222 -1.89 6.05 -10.89
CA LYS A 222 -1.91 5.69 -9.46
C LYS A 222 -0.53 5.40 -8.86
N LEU A 223 0.41 4.82 -9.64
CA LEU A 223 1.75 4.61 -9.15
C LEU A 223 2.46 5.94 -8.95
N ALA A 224 2.19 6.87 -9.87
CA ALA A 224 2.80 8.19 -9.78
C ALA A 224 2.20 8.88 -8.52
N ASP A 225 0.88 8.78 -8.34
CA ASP A 225 0.16 9.32 -7.17
C ASP A 225 0.79 8.84 -5.86
N LEU A 226 1.06 7.53 -5.81
CA LEU A 226 1.67 6.90 -4.62
C LEU A 226 3.04 7.50 -4.23
N ARG A 227 3.79 7.92 -5.25
CA ARG A 227 5.03 8.66 -5.08
C ARG A 227 4.81 9.91 -4.28
N SER A 228 3.78 10.73 -4.59
CA SER A 228 3.54 12.03 -3.94
C SER A 228 3.14 11.80 -2.50
N LEU A 229 2.22 10.86 -2.31
CA LEU A 229 1.73 10.51 -0.98
C LEU A 229 2.89 10.05 -0.09
N ASN A 230 3.83 9.28 -0.66
CA ASN A 230 5.02 8.83 0.04
C ASN A 230 5.88 10.05 0.50
N GLU A 231 6.26 10.93 -0.43
CA GLU A 231 6.93 12.19 -0.02
C GLU A 231 6.19 12.90 1.12
N GLU A 232 4.86 13.08 1.00
CA GLU A 232 4.08 13.79 2.04
C GLU A 232 4.06 12.96 3.32
N HIS A 233 3.90 11.66 3.18
CA HIS A 233 4.01 10.87 4.38
C HIS A 233 5.35 11.10 5.08
N SER A 234 6.48 11.00 4.36
CA SER A 234 7.79 11.31 4.90
C SER A 234 7.80 12.56 5.78
N LYS A 235 7.47 13.72 5.20
CA LYS A 235 7.44 14.97 5.94
C LYS A 235 6.49 14.93 7.15
N GLN A 236 5.37 14.21 7.06
CA GLN A 236 4.49 14.18 8.23
C GLN A 236 5.09 13.20 9.24
N TYR A 237 5.81 12.17 8.79
CA TYR A 237 6.41 11.27 9.76
C TYR A 237 7.53 11.94 10.58
N ARG A 238 8.42 12.66 9.89
CA ARG A 238 9.45 13.51 10.50
C ARG A 238 8.87 14.36 11.63
N CYS A 239 7.78 15.04 11.34
CA CYS A 239 7.06 15.92 12.30
C CYS A 239 6.55 15.14 13.49
N LEU A 240 5.82 14.06 13.22
CA LEU A 240 5.40 13.15 14.26
C LEU A 240 6.55 12.79 15.19
N SER A 241 7.70 12.46 14.59
CA SER A 241 8.87 11.94 15.31
C SER A 241 9.48 12.98 16.25
N PHE A 242 9.20 14.26 15.99
CA PHE A 242 9.62 15.30 16.94
C PHE A 242 8.74 15.36 18.23
N GLN A 243 7.63 14.65 18.29
CA GLN A 243 6.83 14.64 19.57
C GLN A 243 7.54 13.83 20.64
N PRO A 244 7.84 14.46 21.80
CA PRO A 244 8.60 13.65 22.81
C PRO A 244 7.87 12.37 23.21
N GLU A 245 8.61 11.26 23.33
CA GLU A 245 8.08 9.94 23.66
C GLU A 245 7.30 9.34 22.49
N CYS A 246 7.39 9.96 21.31
CA CYS A 246 6.75 9.36 20.14
C CYS A 246 7.19 7.92 19.89
N SER A 247 8.48 7.68 20.00
CA SER A 247 9.07 6.37 19.71
C SER A 247 8.36 5.19 20.40
N MET A 248 7.91 5.41 21.65
CA MET A 248 7.15 4.42 22.41
C MET A 248 5.82 4.05 21.74
N LYS A 249 5.23 5.01 21.03
CA LYS A 249 3.96 4.76 20.40
C LYS A 249 4.10 4.07 19.03
N LEU A 250 5.35 3.93 18.56
CA LEU A 250 5.65 3.33 17.28
C LEU A 250 6.05 1.88 17.61
N THR A 251 6.80 1.24 16.71
CA THR A 251 7.35 -0.08 16.89
C THR A 251 8.74 0.00 16.24
N PRO A 252 9.68 -0.86 16.67
CA PRO A 252 11.00 -0.99 16.08
C PRO A 252 11.03 -1.02 14.55
N LEU A 253 10.16 -1.85 13.96
CA LEU A 253 10.09 -2.02 12.53
C LEU A 253 9.64 -0.71 11.82
N VAL A 254 8.61 -0.06 12.35
CA VAL A 254 8.19 1.27 11.87
C VAL A 254 9.26 2.38 11.96
N LEU A 255 10.01 2.43 13.07
CA LEU A 255 11.06 3.41 13.21
C LEU A 255 12.18 3.18 12.16
N GLU A 256 12.41 1.92 11.85
CA GLU A 256 13.56 1.55 11.04
C GLU A 256 13.17 1.75 9.59
N VAL A 257 11.91 1.57 9.31
CA VAL A 257 11.48 1.66 7.94
C VAL A 257 11.22 3.12 7.58
N PHE A 258 10.68 3.93 8.50
CA PHE A 258 10.44 5.37 8.21
C PHE A 258 11.48 6.32 8.81
N GLY A 259 12.44 5.76 9.56
CA GLY A 259 13.50 6.56 10.25
C GLY A 259 14.20 7.62 9.43
C4 41V B . -4.15 3.35 6.64
C5 41V B . -3.62 4.47 7.57
C6 41V B . -4.74 5.33 8.15
C7 41V B . -3.90 3.82 5.20
C8 41V B . -2.52 4.52 5.34
C10 41V B . -2.87 3.64 8.66
C13 41V B . -0.27 5.11 7.61
C15 41V B . 0.66 5.99 9.82
C17 41V B . 2.86 5.20 10.51
C20 41V B . -4.66 0.51 6.41
C21 41V B . -4.75 -0.82 6.50
C22 41V B . -6.01 -1.53 6.98
C24 41V B . -5.10 -3.72 6.20
C26 41V B . -3.57 -1.70 6.16
O29 41V B . 2.61 7.51 9.77
C16 41V B . 1.96 6.42 10.45
C18 41V B . 1.61 7.03 11.80
C14 41V B . 0.89 5.78 8.31
C11 41V B . -1.44 6.02 7.32
C12 41V B . -1.02 7.32 6.61
C9 41V B . -2.70 5.32 6.66
C1 41V B . -5.96 4.54 8.69
C3 41V B . -5.51 2.76 6.97
C2 41V B . -6.58 3.68 7.53
C19 41V B . -5.75 1.43 6.83
C25 41V B . -4.02 -2.95 5.40
O27 41V B . -2.87 -3.73 5.29
C23 41V B . -6.33 -2.85 6.19
O28 41V B . -6.80 -2.68 4.84
#